data_3IGE
#
_entry.id   3IGE
#
_cell.length_a   39.220
_cell.length_b   88.613
_cell.length_c   81.944
_cell.angle_alpha   90.00
_cell.angle_beta   90.00
_cell.angle_gamma   90.00
#
_symmetry.space_group_name_H-M   'C 2 2 21'
#
loop_
_entity.id
_entity.type
_entity.pdbx_description
1 polymer 'Soc small outer capsid protein'
2 non-polymer IMIDAZOLE
3 water water
#
_entity_poly.entity_id   1
_entity_poly.type   'polypeptide(L)'
_entity_poly.pdbx_seq_one_letter_code
;MGGYVNIKTFTHPAGEGKEVKGMEVSVPFEIYSNEHRIADAHYQTFPSEKAAYTTVVTDAADWRTKNAAMFTPTPVSG
;
_entity_poly.pdbx_strand_id   A,B
#
loop_
_chem_comp.id
_chem_comp.type
_chem_comp.name
_chem_comp.formula
IMD non-polymer IMIDAZOLE 'C3 H5 N2 1'
#
# COMPACT_ATOMS: atom_id res chain seq x y z
N GLY A 2 14.53 1.82 0.45
CA GLY A 2 14.65 3.06 1.19
C GLY A 2 13.56 4.05 0.82
N GLY A 3 13.75 5.31 1.18
CA GLY A 3 12.78 6.35 0.90
C GLY A 3 11.63 6.36 1.87
N TYR A 4 10.52 6.97 1.47
CA TYR A 4 9.35 7.08 2.33
C TYR A 4 8.10 6.54 1.65
N VAL A 5 7.14 6.12 2.48
CA VAL A 5 5.83 5.74 1.98
C VAL A 5 4.83 6.81 2.41
N ASN A 6 4.41 7.64 1.48
CA ASN A 6 3.50 8.73 1.78
C ASN A 6 2.04 8.26 1.81
N ILE A 7 1.44 8.31 2.99
CA ILE A 7 0.09 7.82 3.17
C ILE A 7 -0.91 8.94 3.46
N LYS A 8 -1.99 8.99 2.69
CA LYS A 8 -3.08 9.92 2.94
C LYS A 8 -4.39 9.15 3.10
N THR A 9 -4.91 9.13 4.33
CA THR A 9 -6.17 8.46 4.61
C THR A 9 -7.31 9.46 4.56
N PHE A 10 -8.45 9.02 4.05
CA PHE A 10 -9.60 9.90 3.89
C PHE A 10 -10.59 9.74 5.03
N THR A 11 -11.13 10.86 5.51
CA THR A 11 -12.10 10.84 6.60
C THR A 11 -13.37 10.10 6.18
N HIS A 12 -13.93 9.34 7.12
CA HIS A 12 -15.11 8.54 6.84
C HIS A 12 -15.86 8.18 8.13
N PRO A 13 -17.19 8.02 8.02
CA PRO A 13 -18.02 7.63 9.17
C PRO A 13 -17.64 6.23 9.68
N ALA A 14 -17.64 6.08 10.99
CA ALA A 14 -17.33 4.79 11.61
C ALA A 14 -18.29 4.49 12.75
N GLY A 15 -19.58 4.37 12.40
CA GLY A 15 -20.61 4.17 13.40
C GLY A 15 -21.31 5.48 13.71
N GLU A 16 -22.62 5.43 13.94
CA GLU A 16 -23.39 6.64 14.20
C GLU A 16 -22.90 7.36 15.45
N GLY A 17 -22.41 8.58 15.26
CA GLY A 17 -21.88 9.37 16.37
C GLY A 17 -20.37 9.37 16.40
N LYS A 18 -19.76 8.49 15.61
CA LYS A 18 -18.31 8.36 15.57
C LYS A 18 -17.78 8.37 14.13
N GLU A 19 -16.47 8.52 13.99
CA GLU A 19 -15.86 8.62 12.67
C GLU A 19 -14.36 8.33 12.74
N VAL A 20 -13.67 8.50 11.62
CA VAL A 20 -12.23 8.39 11.57
C VAL A 20 -11.63 9.53 10.77
N LYS A 21 -10.95 10.44 11.46
CA LYS A 21 -10.34 11.60 10.82
C LYS A 21 -9.16 11.18 9.96
N GLY A 22 -9.15 11.64 8.71
CA GLY A 22 -8.07 11.34 7.79
C GLY A 22 -6.75 11.91 8.28
N MET A 23 -5.66 11.49 7.65
CA MET A 23 -4.33 11.97 8.03
C MET A 23 -3.36 11.94 6.86
N GLU A 24 -2.22 12.61 7.02
CA GLU A 24 -1.16 12.60 6.03
C GLU A 24 0.18 12.38 6.73
N VAL A 25 0.78 11.22 6.51
CA VAL A 25 2.01 10.87 7.20
C VAL A 25 3.02 10.19 6.28
N SER A 26 4.29 10.56 6.43
CA SER A 26 5.37 9.96 5.66
C SER A 26 6.12 8.94 6.52
N VAL A 27 6.15 7.69 6.07
CA VAL A 27 6.77 6.62 6.83
C VAL A 27 8.01 6.08 6.13
N PRO A 28 9.15 6.04 6.85
CA PRO A 28 10.35 5.42 6.32
C PRO A 28 10.03 4.01 5.82
N PHE A 29 10.41 3.70 4.59
CA PHE A 29 10.00 2.44 3.97
C PHE A 29 10.22 1.21 4.85
N GLU A 30 11.45 1.04 5.35
CA GLU A 30 11.78 -0.13 6.15
C GLU A 30 10.85 -0.27 7.36
N ILE A 31 10.56 0.84 8.02
CA ILE A 31 9.63 0.83 9.15
C ILE A 31 8.25 0.39 8.67
N TYR A 32 7.85 0.87 7.50
CA TYR A 32 6.54 0.56 6.95
C TYR A 32 6.43 -0.91 6.51
N SER A 33 7.43 -1.38 5.78
CA SER A 33 7.41 -2.75 5.25
C SER A 33 7.53 -3.78 6.37
N ASN A 34 8.29 -3.44 7.41
CA ASN A 34 8.49 -4.34 8.54
C ASN A 34 7.17 -4.66 9.23
N GLU A 35 6.28 -3.68 9.29
CA GLU A 35 4.98 -3.88 9.91
C GLU A 35 4.03 -2.74 9.56
N HIS A 36 2.82 -3.11 9.15
CA HIS A 36 1.79 -2.14 8.84
C HIS A 36 0.44 -2.83 8.75
N ARG A 37 -0.63 -2.09 9.02
CA ARG A 37 -1.97 -2.66 8.99
C ARG A 37 -2.87 -1.96 7.98
N ILE A 38 -3.43 -2.73 7.06
CA ILE A 38 -4.38 -2.22 6.08
C ILE A 38 -5.72 -2.91 6.27
N ALA A 39 -6.71 -2.15 6.70
CA ALA A 39 -8.04 -2.71 7.00
C ALA A 39 -9.12 -2.22 6.05
N ASP A 40 -9.04 -0.94 5.65
CA ASP A 40 -10.02 -0.38 4.73
C ASP A 40 -9.36 0.22 3.49
N ALA A 41 -10.18 0.71 2.56
CA ALA A 41 -9.68 1.27 1.32
C ALA A 41 -9.65 2.79 1.35
N HIS A 42 -9.92 3.38 2.51
CA HIS A 42 -9.94 4.83 2.65
C HIS A 42 -8.54 5.41 2.79
N TYR A 43 -7.68 5.10 1.84
CA TYR A 43 -6.30 5.60 1.86
C TYR A 43 -5.70 5.67 0.46
N GLN A 44 -4.50 6.24 0.36
CA GLN A 44 -3.76 6.26 -0.88
C GLN A 44 -2.26 6.27 -0.57
N THR A 45 -1.47 5.69 -1.47
CA THR A 45 -0.05 5.55 -1.20
C THR A 45 0.82 5.82 -2.43
N PHE A 46 1.93 6.53 -2.22
CA PHE A 46 2.93 6.71 -3.25
C PHE A 46 4.30 6.94 -2.61
N PRO A 47 5.34 6.26 -3.14
CA PRO A 47 6.69 6.34 -2.63
C PRO A 47 7.42 7.59 -3.10
N SER A 48 8.53 7.91 -2.44
CA SER A 48 9.37 9.04 -2.83
C SER A 48 10.63 9.06 -1.97
N GLU A 49 11.69 9.66 -2.50
CA GLU A 49 12.96 9.74 -1.78
C GLU A 49 12.85 10.60 -0.53
N LYS A 50 12.04 11.66 -0.62
CA LYS A 50 11.87 12.58 0.50
C LYS A 50 10.44 12.55 1.03
N ALA A 51 10.28 12.91 2.30
CA ALA A 51 8.96 12.95 2.91
C ALA A 51 8.11 14.05 2.28
N ALA A 52 6.92 13.69 1.82
CA ALA A 52 6.04 14.62 1.13
C ALA A 52 5.10 15.36 2.09
N TYR A 53 4.89 14.79 3.27
CA TYR A 53 3.96 15.37 4.24
C TYR A 53 4.68 15.94 5.46
N THR A 54 4.01 16.85 6.15
CA THR A 54 4.59 17.51 7.32
C THR A 54 4.88 16.53 8.44
N THR A 55 3.93 15.63 8.69
CA THR A 55 4.08 14.63 9.75
C THR A 55 4.92 13.45 9.26
N VAL A 56 6.09 13.28 9.88
CA VAL A 56 7.00 12.21 9.50
C VAL A 56 7.25 11.26 10.66
N VAL A 57 6.98 9.98 10.45
CA VAL A 57 7.21 8.95 11.46
C VAL A 57 8.68 8.90 11.86
N THR A 58 8.92 8.84 13.16
CA THR A 58 10.29 8.86 13.69
C THR A 58 10.84 7.47 13.96
N ASP A 59 9.97 6.56 14.38
CA ASP A 59 10.39 5.20 14.72
C ASP A 59 9.24 4.19 14.62
N ALA A 60 9.57 2.92 14.84
CA ALA A 60 8.59 1.84 14.72
C ALA A 60 7.40 2.03 15.65
N ALA A 61 7.67 2.50 16.87
CA ALA A 61 6.60 2.73 17.85
C ALA A 61 5.70 3.87 17.41
N ASP A 62 6.29 4.91 16.83
CA ASP A 62 5.55 6.05 16.34
C ASP A 62 4.59 5.65 15.21
N TRP A 63 5.05 4.75 14.36
CA TRP A 63 4.24 4.28 13.23
C TRP A 63 3.06 3.43 13.70
N ARG A 64 3.31 2.52 14.63
CA ARG A 64 2.24 1.68 15.17
C ARG A 64 1.13 2.51 15.80
N THR A 65 1.51 3.65 16.38
CA THR A 65 0.54 4.55 17.00
C THR A 65 -0.33 5.24 15.96
N LYS A 66 0.32 5.86 14.97
CA LYS A 66 -0.40 6.58 13.92
C LYS A 66 -1.19 5.61 13.04
N ASN A 67 -0.61 4.44 12.77
CA ASN A 67 -1.27 3.42 11.99
C ASN A 67 -2.58 2.97 12.65
N ALA A 68 -2.52 2.73 13.95
CA ALA A 68 -3.71 2.32 14.71
C ALA A 68 -4.72 3.46 14.79
N ALA A 69 -4.23 4.69 14.71
CA ALA A 69 -5.11 5.86 14.74
C ALA A 69 -5.96 5.94 13.48
N MET A 70 -5.59 5.17 12.47
CA MET A 70 -6.31 5.16 11.20
C MET A 70 -7.63 4.39 11.30
N PHE A 71 -7.79 3.63 12.37
CA PHE A 71 -8.95 2.75 12.50
C PHE A 71 -9.75 3.00 13.77
N THR A 72 -9.12 3.62 14.77
CA THR A 72 -9.80 3.92 16.02
C THR A 72 -10.88 4.97 15.83
N PRO A 73 -12.14 4.56 16.00
CA PRO A 73 -13.29 5.47 15.83
C PRO A 73 -13.33 6.54 16.92
N THR A 74 -13.62 7.78 16.53
CA THR A 74 -13.71 8.89 17.46
C THR A 74 -14.97 9.70 17.25
N PRO A 75 -15.55 10.23 18.34
CA PRO A 75 -16.75 11.07 18.26
C PRO A 75 -16.54 12.29 17.37
N VAL A 76 -17.54 12.62 16.56
CA VAL A 76 -17.44 13.76 15.66
C VAL A 76 -17.49 15.08 16.45
N GLY B 2 -14.12 -2.88 0.69
CA GLY B 2 -14.63 -3.24 -0.63
C GLY B 2 -13.86 -2.55 -1.74
N GLY B 3 -14.18 -2.89 -2.98
CA GLY B 3 -13.52 -2.31 -4.12
C GLY B 3 -12.25 -3.04 -4.51
N TYR B 4 -11.37 -2.37 -5.25
CA TYR B 4 -10.13 -2.97 -5.70
C TYR B 4 -8.93 -2.16 -5.24
N VAL B 5 -7.76 -2.80 -5.26
CA VAL B 5 -6.51 -2.12 -5.01
C VAL B 5 -5.68 -2.13 -6.29
N ASN B 6 -5.65 -1.00 -6.98
CA ASN B 6 -4.91 -0.87 -8.23
C ASN B 6 -3.41 -0.69 -7.99
N ILE B 7 -2.62 -1.70 -8.33
CA ILE B 7 -1.19 -1.68 -8.07
C ILE B 7 -0.39 -1.58 -9.36
N LYS B 8 0.50 -0.60 -9.43
CA LYS B 8 1.42 -0.47 -10.55
C LYS B 8 2.86 -0.49 -10.06
N THR B 9 3.61 -1.50 -10.47
CA THR B 9 5.02 -1.60 -10.12
C THR B 9 5.88 -1.08 -11.26
N PHE B 10 7.03 -0.48 -10.92
CA PHE B 10 7.89 0.11 -11.93
C PHE B 10 9.09 -0.76 -12.23
N THR B 11 9.47 -0.83 -13.51
CA THR B 11 10.61 -1.63 -13.93
C THR B 11 11.91 -1.09 -13.35
N HIS B 12 12.79 -2.00 -12.94
CA HIS B 12 14.08 -1.61 -12.38
C HIS B 12 15.08 -2.77 -12.48
N PRO B 13 16.37 -2.43 -12.64
CA PRO B 13 17.43 -3.43 -12.73
C PRO B 13 17.51 -4.31 -11.48
N ALA B 14 17.53 -5.63 -11.70
CA ALA B 14 17.64 -6.57 -10.59
C ALA B 14 18.93 -7.37 -10.72
N GLY B 15 20.06 -6.68 -10.69
CA GLY B 15 21.35 -7.30 -10.90
C GLY B 15 21.73 -7.27 -12.37
N GLU B 16 23.03 -7.20 -12.64
CA GLU B 16 23.50 -7.11 -14.01
C GLU B 16 23.13 -8.36 -14.81
N GLY B 17 22.37 -8.16 -15.88
CA GLY B 17 21.93 -9.25 -16.72
C GLY B 17 20.49 -9.65 -16.44
N LYS B 18 19.91 -9.05 -15.41
CA LYS B 18 18.54 -9.36 -15.01
C LYS B 18 17.79 -8.08 -14.62
N GLU B 19 16.48 -8.20 -14.44
CA GLU B 19 15.65 -7.03 -14.13
C GLU B 19 14.32 -7.45 -13.51
N VAL B 20 13.56 -6.46 -13.08
CA VAL B 20 12.20 -6.69 -12.56
C VAL B 20 11.19 -5.87 -13.36
N LYS B 21 10.54 -6.52 -14.31
CA LYS B 21 9.55 -5.85 -15.15
C LYS B 21 8.36 -5.39 -14.34
N GLY B 22 8.01 -4.12 -14.47
CA GLY B 22 6.87 -3.57 -13.78
C GLY B 22 5.57 -4.08 -14.35
N MET B 23 4.52 -4.08 -13.52
CA MET B 23 3.22 -4.61 -13.94
C MET B 23 2.07 -3.74 -13.43
N GLU B 24 0.88 -4.01 -13.94
CA GLU B 24 -0.33 -3.33 -13.49
C GLU B 24 -1.42 -4.35 -13.16
N VAL B 25 -1.84 -4.39 -11.90
CA VAL B 25 -2.80 -5.38 -11.46
C VAL B 25 -3.83 -4.79 -10.49
N SER B 26 -5.10 -5.14 -10.71
CA SER B 26 -6.17 -4.73 -9.81
C SER B 26 -6.58 -5.90 -8.94
N VAL B 27 -6.37 -5.76 -7.63
CA VAL B 27 -6.67 -6.84 -6.69
C VAL B 27 -7.86 -6.49 -5.82
N PRO B 28 -8.87 -7.38 -5.77
CA PRO B 28 -10.00 -7.17 -4.87
C PRO B 28 -9.49 -6.89 -3.47
N PHE B 29 -10.01 -5.84 -2.83
CA PHE B 29 -9.47 -5.39 -1.55
C PHE B 29 -9.31 -6.51 -0.53
N GLU B 30 -10.38 -7.27 -0.30
CA GLU B 30 -10.35 -8.34 0.71
C GLU B 30 -9.19 -9.30 0.48
N ILE B 31 -8.96 -9.67 -0.78
CA ILE B 31 -7.85 -10.54 -1.12
C ILE B 31 -6.52 -9.87 -0.81
N TYR B 32 -6.45 -8.57 -1.08
CA TYR B 32 -5.21 -7.83 -0.87
C TYR B 32 -4.91 -7.60 0.61
N SER B 33 -5.93 -7.21 1.37
CA SER B 33 -5.76 -6.91 2.79
C SER B 33 -5.49 -8.16 3.62
N ASN B 34 -6.01 -9.30 3.16
CA ASN B 34 -5.81 -10.56 3.86
C ASN B 34 -4.38 -11.06 3.78
N GLU B 35 -3.73 -10.82 2.66
CA GLU B 35 -2.33 -11.21 2.47
C GLU B 35 -1.69 -10.49 1.29
N HIS B 36 -0.57 -9.81 1.56
CA HIS B 36 0.16 -9.10 0.52
C HIS B 36 1.61 -8.91 0.94
N ARG B 37 2.51 -8.90 -0.04
CA ARG B 37 3.93 -8.72 0.24
C ARG B 37 4.50 -7.45 -0.40
N ILE B 38 5.01 -6.56 0.44
CA ILE B 38 5.64 -5.34 -0.03
C ILE B 38 7.14 -5.39 0.27
N ALA B 39 7.93 -5.71 -0.75
CA ALA B 39 9.36 -5.88 -0.56
C ALA B 39 10.15 -4.59 -0.81
N ASP B 40 9.85 -3.92 -1.92
CA ASP B 40 10.51 -2.66 -2.25
C ASP B 40 9.51 -1.53 -2.49
N ALA B 41 10.03 -0.34 -2.76
CA ALA B 41 9.20 0.85 -2.92
C ALA B 41 8.93 1.17 -4.38
N HIS B 42 9.12 0.20 -5.27
CA HIS B 42 8.88 0.41 -6.69
C HIS B 42 7.43 0.10 -7.06
N TYR B 43 6.49 0.83 -6.47
CA TYR B 43 5.07 0.59 -6.70
C TYR B 43 4.20 1.77 -6.28
N GLN B 44 3.05 1.91 -6.92
CA GLN B 44 2.05 2.89 -6.51
C GLN B 44 0.74 2.18 -6.24
N THR B 45 -0.10 2.77 -5.39
CA THR B 45 -1.36 2.14 -5.01
C THR B 45 -2.54 3.09 -5.04
N PHE B 46 -3.62 2.66 -5.69
CA PHE B 46 -4.84 3.44 -5.77
C PHE B 46 -6.07 2.56 -5.54
N PRO B 47 -6.83 2.84 -4.47
CA PRO B 47 -8.11 2.16 -4.25
C PRO B 47 -9.18 2.71 -5.17
N SER B 48 -10.17 1.89 -5.51
CA SER B 48 -11.27 2.30 -6.37
C SER B 48 -12.36 1.25 -6.42
N GLU B 49 -13.60 1.69 -6.65
CA GLU B 49 -14.74 0.79 -6.70
C GLU B 49 -14.61 -0.24 -7.82
N LYS B 50 -14.07 0.19 -8.96
CA LYS B 50 -13.93 -0.71 -10.11
C LYS B 50 -12.46 -0.99 -10.44
N ALA B 51 -12.24 -2.08 -11.17
CA ALA B 51 -10.88 -2.47 -11.55
C ALA B 51 -10.36 -1.55 -12.65
N ALA B 52 -9.29 -0.83 -12.35
CA ALA B 52 -8.73 0.14 -13.28
C ALA B 52 -7.84 -0.49 -14.35
N TYR B 53 -7.17 -1.57 -14.00
CA TYR B 53 -6.21 -2.20 -14.90
C TYR B 53 -6.76 -3.44 -15.60
N THR B 54 -6.13 -3.80 -16.71
CA THR B 54 -6.55 -4.95 -17.51
C THR B 54 -6.45 -6.26 -16.73
N THR B 55 -5.32 -6.45 -16.05
CA THR B 55 -5.09 -7.67 -15.28
C THR B 55 -5.78 -7.59 -13.92
N VAL B 56 -6.79 -8.43 -13.73
CA VAL B 56 -7.55 -8.44 -12.47
C VAL B 56 -7.43 -9.78 -11.76
N VAL B 57 -6.97 -9.74 -10.51
CA VAL B 57 -6.81 -10.95 -9.71
C VAL B 57 -8.14 -11.69 -9.58
N THR B 58 -8.12 -12.99 -9.85
CA THR B 58 -9.32 -13.82 -9.80
C THR B 58 -9.59 -14.37 -8.40
N ASP B 59 -8.55 -14.84 -7.74
CA ASP B 59 -8.69 -15.40 -6.40
C ASP B 59 -7.42 -15.24 -5.57
N ALA B 60 -7.43 -15.78 -4.35
CA ALA B 60 -6.31 -15.65 -3.42
C ALA B 60 -5.03 -16.26 -3.98
N ALA B 61 -5.14 -17.44 -4.57
CA ALA B 61 -3.98 -18.13 -5.14
C ALA B 61 -3.40 -17.35 -6.30
N ASP B 62 -4.27 -16.78 -7.12
CA ASP B 62 -3.86 -15.98 -8.26
C ASP B 62 -3.05 -14.78 -7.80
N TRP B 63 -3.48 -14.18 -6.71
CA TRP B 63 -2.79 -13.02 -6.15
C TRP B 63 -1.41 -13.38 -5.60
N ARG B 64 -1.32 -14.53 -4.93
CA ARG B 64 -0.03 -14.97 -4.41
C ARG B 64 0.99 -15.19 -5.53
N THR B 65 0.51 -15.66 -6.68
CA THR B 65 1.37 -15.90 -7.83
C THR B 65 1.85 -14.59 -8.45
N LYS B 66 0.91 -13.67 -8.68
CA LYS B 66 1.23 -12.39 -9.28
C LYS B 66 2.09 -11.54 -8.35
N ASN B 67 1.73 -11.51 -7.08
CA ASN B 67 2.49 -10.75 -6.08
C ASN B 67 3.93 -11.21 -6.03
N ALA B 68 4.14 -12.50 -6.20
CA ALA B 68 5.48 -13.08 -6.19
C ALA B 68 6.27 -12.68 -7.45
N ALA B 69 5.55 -12.50 -8.55
CA ALA B 69 6.17 -12.14 -9.82
C ALA B 69 6.68 -10.71 -9.79
N MET B 70 6.31 -9.96 -8.75
CA MET B 70 6.72 -8.57 -8.60
C MET B 70 8.17 -8.45 -8.16
N PHE B 71 8.73 -9.55 -7.65
CA PHE B 71 10.07 -9.52 -7.08
C PHE B 71 10.99 -10.57 -7.69
N THR B 72 10.48 -11.31 -8.66
CA THR B 72 11.27 -12.34 -9.33
C THR B 72 12.02 -11.76 -10.53
N PRO B 73 13.35 -11.66 -10.43
CA PRO B 73 14.19 -11.12 -11.49
C PRO B 73 14.16 -12.00 -12.74
N THR B 74 14.05 -11.37 -13.91
CA THR B 74 14.03 -12.09 -15.17
C THR B 74 15.05 -11.48 -16.14
N PRO B 75 15.67 -12.32 -16.98
CA PRO B 75 16.64 -11.85 -17.98
C PRO B 75 16.06 -10.73 -18.83
N VAL B 76 16.76 -9.60 -18.89
CA VAL B 76 16.31 -8.44 -19.65
C VAL B 76 15.94 -8.82 -21.08
N1 IMD C . -0.79 1.69 4.64
C2 IMD C . -1.30 1.77 5.89
N3 IMD C . -2.61 2.10 5.81
C4 IMD C . -2.92 2.23 4.50
C5 IMD C . -1.76 1.97 3.76
N1 IMD D . 1.34 -3.80 -2.45
C2 IMD D . 2.30 -3.36 -3.29
N3 IMD D . 2.98 -4.44 -3.76
C4 IMD D . 2.42 -5.55 -3.21
C5 IMD D . 1.39 -5.14 -2.40
#